data_5EYF
#
_entry.id   5EYF
#
_cell.length_a   36.405
_cell.length_b   115.434
_cell.length_c   53.825
_cell.angle_alpha   90.00
_cell.angle_beta   101.93
_cell.angle_gamma   90.00
#
_symmetry.space_group_name_H-M   'P 1 21 1'
#
loop_
_entity.id
_entity.type
_entity.pdbx_description
1 polymer 'Glutamate ABC superfamily ATP binding cassette transporter, binding protein'
2 non-polymer 'GLUTAMIC ACID'
3 non-polymer 'MAGNESIUM ION'
4 non-polymer 'CHLORIDE ION'
5 water water
#
_entity_poly.entity_id   1
_entity_poly.type   'polypeptide(L)'
_entity_poly.pdbx_seq_one_letter_code
;SNANEDILERSKSTNEIIWGVKYDTRLFG(MSE)(MSE)DIESRTVQGFDVDIAKAITKKILGDNGKTEFVEVTSKTRIP
LLKNGNIDAIIAT(MSE)TITDERKKQVDFSDVYFDAGQALLVKKGSQIKSVDDLNASTTVLAVKGSTSAANIRQHAPDA
KILELENYAEAFTALQSGQGDA(MSE)TTDNAILLGIADENPEYELVGGTFTNEPYGIAINKGQENFLKAVNQALEE
(MSE)HADGTYDKIYQKWFPNETEGKVE
;
_entity_poly.pdbx_strand_id   A,B
#
loop_
_chem_comp.id
_chem_comp.type
_chem_comp.name
_chem_comp.formula
CL non-polymer 'CHLORIDE ION' 'Cl -1'
MG non-polymer 'MAGNESIUM ION' 'Mg 2'
#
# COMPACT_ATOMS: atom_id res chain seq x y z
N GLU A 5 5.79 22.41 24.37
CA GLU A 5 4.56 22.24 25.12
C GLU A 5 3.83 20.98 24.65
N ASP A 6 3.37 20.15 25.59
CA ASP A 6 2.67 18.90 25.27
C ASP A 6 1.32 19.26 24.65
N ILE A 7 1.15 18.93 23.36
CA ILE A 7 -0.07 19.30 22.65
C ILE A 7 -1.28 18.57 23.21
N LEU A 8 -1.09 17.35 23.69
CA LEU A 8 -2.22 16.64 24.27
C LEU A 8 -2.75 17.39 25.49
N GLU A 9 -1.84 17.90 26.34
CA GLU A 9 -2.25 18.75 27.46
C GLU A 9 -2.93 20.03 26.98
N ARG A 10 -2.27 20.76 26.05
CA ARG A 10 -2.83 22.05 25.64
C ARG A 10 -4.19 21.88 24.98
N SER A 11 -4.33 20.85 24.13
CA SER A 11 -5.59 20.69 23.41
C SER A 11 -6.76 20.43 24.35
N LYS A 12 -6.52 19.74 25.47
CA LYS A 12 -7.59 19.60 26.46
C LYS A 12 -7.92 20.94 27.11
N SER A 13 -6.90 21.79 27.31
CA SER A 13 -7.14 23.09 27.93
C SER A 13 -7.93 24.02 27.00
N THR A 14 -7.57 24.09 25.72
CA THR A 14 -8.29 24.94 24.78
C THR A 14 -9.46 24.22 24.12
N ASN A 15 -9.63 22.93 24.41
CA ASN A 15 -10.73 22.11 23.89
C ASN A 15 -10.73 22.10 22.37
N GLU A 16 -9.54 22.03 21.78
CA GLU A 16 -9.42 22.22 20.35
C GLU A 16 -8.14 21.56 19.86
N ILE A 17 -8.21 20.93 18.69
CA ILE A 17 -7.01 20.51 17.96
C ILE A 17 -6.97 21.30 16.66
N ILE A 18 -5.79 21.84 16.33
CA ILE A 18 -5.59 22.63 15.13
C ILE A 18 -4.99 21.74 14.04
N TRP A 19 -5.69 21.60 12.92
CA TRP A 19 -5.28 20.70 11.85
C TRP A 19 -4.86 21.50 10.63
N GLY A 20 -3.70 21.17 10.07
CA GLY A 20 -3.31 21.73 8.79
C GLY A 20 -3.86 20.88 7.66
N VAL A 21 -4.74 21.43 6.82
CA VAL A 21 -5.35 20.68 5.72
C VAL A 21 -5.15 21.44 4.41
N LYS A 22 -5.30 20.70 3.29
CA LYS A 22 -5.36 21.39 2.00
C LYS A 22 -6.68 22.14 1.88
N TYR A 23 -6.67 23.20 1.06
CA TYR A 23 -7.90 23.90 0.70
C TYR A 23 -8.26 23.77 -0.77
N ASP A 24 -7.42 23.12 -1.56
CA ASP A 24 -7.59 23.06 -3.01
C ASP A 24 -7.69 21.63 -3.54
N THR A 25 -7.93 20.64 -2.68
CA THR A 25 -7.84 19.23 -3.10
C THR A 25 -9.21 18.57 -2.88
N ARG A 26 -10.02 18.59 -3.92
CA ARG A 26 -11.33 17.95 -3.85
C ARG A 26 -11.18 16.49 -3.43
N LEU A 27 -12.07 16.08 -2.53
CA LEU A 27 -12.20 14.77 -1.88
C LEU A 27 -11.38 14.67 -0.60
N PHE A 28 -10.42 15.58 -0.37
CA PHE A 28 -9.57 15.51 0.82
C PHE A 28 -9.66 16.77 1.67
N GLY A 29 -9.38 17.93 1.08
CA GLY A 29 -9.49 19.20 1.81
C GLY A 29 -9.71 20.27 0.75
N MSE A 30 -10.93 20.77 0.66
N MSE A 30 -10.95 20.77 0.65
CA MSE A 30 -11.32 21.72 -0.37
CA MSE A 30 -11.32 21.76 -0.35
C MSE A 30 -12.22 22.78 0.25
C MSE A 30 -12.19 22.77 0.31
O MSE A 30 -13.26 22.45 0.83
O MSE A 30 -13.18 22.41 0.91
CB MSE A 30 -12.04 21.01 -1.51
CB MSE A 30 -12.07 21.13 -1.55
CG MSE A 30 -12.68 21.93 -2.54
CG MSE A 30 -12.83 22.16 -2.32
SE MSE A 30 -11.40 22.77 -3.73
SE MSE A 30 -13.12 21.57 -4.13
CE MSE A 30 -11.21 21.41 -5.10
CE MSE A 30 -11.27 21.81 -4.77
N MSE A 31 -11.82 24.04 0.15
CA MSE A 31 -12.65 25.13 0.65
C MSE A 31 -13.89 25.18 -0.19
O MSE A 31 -13.81 25.37 -1.42
CB MSE A 31 -11.93 26.47 0.61
CG MSE A 31 -12.84 27.63 1.02
SE MSE A 31 -13.68 27.51 2.78
CE MSE A 31 -12.13 27.81 3.91
N ASP A 32 -15.04 25.03 0.47
CA ASP A 32 -16.34 24.95 -0.18
C ASP A 32 -16.98 26.34 -0.17
N ILE A 33 -17.21 26.88 -1.36
CA ILE A 33 -17.74 28.22 -1.48
C ILE A 33 -19.18 28.28 -0.94
N GLU A 34 -19.98 27.22 -1.18
CA GLU A 34 -21.36 27.26 -0.72
C GLU A 34 -21.45 27.43 0.79
N SER A 35 -20.75 26.59 1.56
CA SER A 35 -20.86 26.60 3.01
C SER A 35 -19.79 27.44 3.69
N ARG A 36 -18.81 27.95 2.94
CA ARG A 36 -17.68 28.67 3.50
C ARG A 36 -16.94 27.83 4.55
N THR A 37 -16.83 26.52 4.29
CA THR A 37 -16.11 25.63 5.19
C THR A 37 -15.30 24.64 4.36
N VAL A 38 -14.24 24.15 4.94
CA VAL A 38 -13.40 23.21 4.23
C VAL A 38 -14.00 21.81 4.38
N GLN A 39 -13.93 21.01 3.31
CA GLN A 39 -14.57 19.69 3.30
C GLN A 39 -13.68 18.65 2.65
N GLY A 40 -13.87 17.40 3.06
CA GLY A 40 -13.19 16.30 2.40
C GLY A 40 -12.91 15.18 3.40
N PHE A 41 -12.27 14.13 2.87
CA PHE A 41 -11.88 12.98 3.67
C PHE A 41 -10.89 13.34 4.79
N ASP A 42 -9.84 14.12 4.47
CA ASP A 42 -8.90 14.51 5.52
C ASP A 42 -9.60 15.31 6.62
N VAL A 43 -10.49 16.23 6.21
CA VAL A 43 -11.26 17.02 7.17
C VAL A 43 -12.10 16.13 8.07
N ASP A 44 -12.85 15.18 7.48
CA ASP A 44 -13.72 14.33 8.29
C ASP A 44 -12.93 13.39 9.20
N ILE A 45 -11.78 12.89 8.72
CA ILE A 45 -10.94 12.09 9.61
C ILE A 45 -10.43 12.93 10.78
N ALA A 46 -10.03 14.19 10.52
CA ALA A 46 -9.59 15.08 11.59
C ALA A 46 -10.69 15.29 12.61
N LYS A 47 -11.90 15.57 12.13
CA LYS A 47 -13.02 15.78 13.05
C LYS A 47 -13.27 14.56 13.94
N ALA A 48 -13.23 13.38 13.34
CA ALA A 48 -13.48 12.15 14.07
C ALA A 48 -12.38 11.88 15.10
N ILE A 49 -11.12 12.11 14.72
CA ILE A 49 -10.04 11.91 15.69
C ILE A 49 -10.22 12.87 16.85
N THR A 50 -10.58 14.11 16.54
CA THR A 50 -10.72 15.11 17.59
C THR A 50 -11.80 14.72 18.58
N LYS A 51 -12.91 14.16 18.08
CA LYS A 51 -13.95 13.68 18.97
C LYS A 51 -13.49 12.48 19.79
N LYS A 52 -12.67 11.58 19.22
CA LYS A 52 -12.16 10.48 20.04
C LYS A 52 -11.30 10.99 21.18
N ILE A 53 -10.45 11.99 20.91
CA ILE A 53 -9.49 12.48 21.90
C ILE A 53 -10.17 13.38 22.92
N LEU A 54 -10.99 14.31 22.46
CA LEU A 54 -11.51 15.34 23.36
C LEU A 54 -12.94 15.08 23.80
N GLY A 55 -13.61 14.09 23.21
CA GLY A 55 -15.03 13.89 23.44
C GLY A 55 -15.87 14.59 22.38
N ASP A 56 -17.17 14.32 22.44
CA ASP A 56 -18.06 14.79 21.39
C ASP A 56 -18.12 16.31 21.29
N ASN A 57 -17.77 17.03 22.35
CA ASN A 57 -17.76 18.49 22.30
C ASN A 57 -16.42 19.09 21.90
N GLY A 58 -15.45 18.29 21.50
CA GLY A 58 -14.16 18.84 21.10
C GLY A 58 -14.28 19.67 19.83
N LYS A 59 -13.46 20.71 19.76
CA LYS A 59 -13.47 21.62 18.61
C LYS A 59 -12.32 21.33 17.67
N THR A 60 -12.56 21.59 16.38
CA THR A 60 -11.51 21.54 15.37
C THR A 60 -11.29 22.93 14.80
N GLU A 61 -10.04 23.30 14.55
N GLU A 61 -10.04 23.28 14.59
CA GLU A 61 -9.71 24.48 13.78
CA GLU A 61 -9.66 24.42 13.78
C GLU A 61 -8.82 24.09 12.62
C GLU A 61 -8.92 23.91 12.56
N PHE A 62 -9.19 24.50 11.41
CA PHE A 62 -8.48 24.14 10.19
C PHE A 62 -7.67 25.33 9.72
N VAL A 63 -6.44 25.04 9.33
CA VAL A 63 -5.48 26.02 8.82
C VAL A 63 -5.01 25.54 7.47
N GLU A 64 -5.08 26.40 6.46
CA GLU A 64 -4.68 26.01 5.10
C GLU A 64 -3.18 25.77 5.04
N VAL A 65 -2.79 24.58 4.54
CA VAL A 65 -1.40 24.27 4.25
C VAL A 65 -1.30 23.88 2.80
N THR A 66 -0.12 24.04 2.23
CA THR A 66 0.24 23.42 0.96
C THR A 66 1.33 22.37 1.20
N SER A 67 1.68 21.65 0.15
CA SER A 67 2.79 20.72 0.27
C SER A 67 4.06 21.44 0.67
N LYS A 68 4.19 22.71 0.28
CA LYS A 68 5.39 23.47 0.63
C LYS A 68 5.35 23.97 2.06
N THR A 69 4.18 24.41 2.55
CA THR A 69 4.16 25.08 3.85
C THR A 69 3.85 24.16 5.01
N ARG A 70 3.42 22.92 4.76
CA ARG A 70 2.87 22.13 5.85
C ARG A 70 3.91 21.79 6.94
N ILE A 71 5.11 21.30 6.56
CA ILE A 71 6.07 20.98 7.62
C ILE A 71 6.55 22.25 8.35
N PRO A 72 6.86 23.35 7.67
CA PRO A 72 7.27 24.54 8.45
C PRO A 72 6.20 24.98 9.45
N LEU A 73 4.92 24.94 9.05
CA LEU A 73 3.88 25.36 9.99
C LEU A 73 3.78 24.40 11.17
N LEU A 74 3.87 23.10 10.90
CA LEU A 74 3.89 22.12 11.98
C LEU A 74 5.05 22.36 12.93
N LYS A 75 6.26 22.56 12.39
CA LYS A 75 7.42 22.70 13.27
C LYS A 75 7.36 23.97 14.11
N ASN A 76 6.71 25.01 13.59
CA ASN A 76 6.58 26.27 14.32
C ASN A 76 5.39 26.28 15.28
N GLY A 77 4.56 25.25 15.27
CA GLY A 77 3.45 25.18 16.20
C GLY A 77 2.17 25.84 15.75
N ASN A 78 2.13 26.38 14.52
CA ASN A 78 0.89 26.98 14.04
C ASN A 78 -0.24 25.97 13.99
N ILE A 79 0.11 24.70 13.76
CA ILE A 79 -0.86 23.62 13.70
C ILE A 79 -0.36 22.52 14.63
N ASP A 80 -1.29 21.67 15.07
CA ASP A 80 -0.93 20.53 15.92
C ASP A 80 -0.61 19.28 15.12
N ALA A 81 -1.12 19.18 13.90
CA ALA A 81 -1.00 17.98 13.09
C ALA A 81 -1.26 18.39 11.67
N ILE A 82 -0.62 17.69 10.74
CA ILE A 82 -0.91 17.82 9.30
C ILE A 82 -1.76 16.62 8.89
N ILE A 83 -2.90 16.87 8.28
CA ILE A 83 -3.61 15.80 7.58
C ILE A 83 -4.01 16.40 6.22
N ALA A 84 -3.15 16.15 5.23
CA ALA A 84 -3.13 16.95 4.00
C ALA A 84 -2.48 16.15 2.89
N THR A 85 -3.17 15.07 2.48
CA THR A 85 -2.72 14.11 1.45
C THR A 85 -1.22 13.89 1.50
N MSE A 86 -0.72 13.64 2.72
CA MSE A 86 0.71 13.66 2.94
C MSE A 86 1.30 12.26 3.05
O MSE A 86 1.06 11.55 4.01
CB MSE A 86 1.02 14.42 4.22
CG MSE A 86 2.55 14.70 4.42
SE MSE A 86 2.74 15.78 5.99
CE MSE A 86 4.71 15.84 6.03
N THR A 87 2.12 11.89 2.07
CA THR A 87 2.75 10.58 2.12
C THR A 87 3.77 10.47 3.24
N ILE A 88 3.74 9.33 3.93
CA ILE A 88 4.80 8.98 4.89
C ILE A 88 6.07 8.66 4.11
N THR A 89 7.13 9.42 4.33
CA THR A 89 8.42 9.13 3.72
C THR A 89 9.53 9.18 4.77
N ASP A 90 10.56 8.37 4.53
CA ASP A 90 11.75 8.39 5.37
C ASP A 90 12.39 9.77 5.38
N GLU A 91 12.40 10.47 4.25
CA GLU A 91 13.01 11.79 4.23
C GLU A 91 12.26 12.73 5.16
N ARG A 92 10.93 12.66 5.15
CA ARG A 92 10.15 13.54 6.01
C ARG A 92 10.28 13.16 7.48
N LYS A 93 10.55 11.88 7.78
CA LYS A 93 10.75 11.48 9.17
C LYS A 93 12.03 12.04 9.76
N LYS A 94 12.88 12.69 8.96
CA LYS A 94 14.00 13.44 9.56
C LYS A 94 13.49 14.70 10.25
N GLN A 95 12.26 15.09 9.93
CA GLN A 95 11.68 16.34 10.43
C GLN A 95 10.45 16.14 11.30
N VAL A 96 9.63 15.13 11.03
CA VAL A 96 8.35 14.94 11.70
C VAL A 96 8.19 13.47 12.05
N ASP A 97 7.23 13.20 12.92
CA ASP A 97 6.71 11.84 13.13
C ASP A 97 5.41 11.68 12.35
N PHE A 98 5.06 10.42 12.04
CA PHE A 98 3.79 10.13 11.41
C PHE A 98 2.97 9.13 12.22
N SER A 99 1.65 9.33 12.19
CA SER A 99 0.66 8.33 12.61
C SER A 99 0.70 7.10 11.71
N ASP A 100 -0.09 6.10 12.12
CA ASP A 100 -0.45 5.00 11.24
C ASP A 100 -1.03 5.54 9.92
N VAL A 101 -0.87 4.73 8.87
CA VAL A 101 -1.40 5.06 7.55
C VAL A 101 -2.92 5.08 7.61
N TYR A 102 -3.56 6.07 7.00
CA TYR A 102 -5.01 6.12 7.01
C TYR A 102 -5.60 6.10 5.60
N PHE A 103 -4.76 6.10 4.56
CA PHE A 103 -5.23 6.01 3.18
C PHE A 103 -4.08 5.54 2.29
N ASP A 104 -4.35 4.66 1.29
CA ASP A 104 -3.29 4.15 0.42
C ASP A 104 -3.48 4.66 -1.02
N ALA A 105 -2.79 5.74 -1.34
CA ALA A 105 -2.82 6.32 -2.69
C ALA A 105 -1.64 5.80 -3.52
N GLY A 106 -1.54 6.27 -4.77
CA GLY A 106 -0.40 5.97 -5.62
C GLY A 106 -0.34 6.96 -6.76
N GLN A 107 0.85 7.26 -7.24
CA GLN A 107 0.96 8.28 -8.28
C GLN A 107 0.41 7.73 -9.60
N ALA A 108 -0.31 8.59 -10.31
CA ALA A 108 -1.03 8.17 -11.50
C ALA A 108 -1.04 9.29 -12.54
N LEU A 109 -1.73 9.02 -13.66
CA LEU A 109 -1.82 9.93 -14.80
C LEU A 109 -3.27 10.21 -15.12
N LEU A 110 -3.53 11.48 -15.44
CA LEU A 110 -4.81 11.95 -15.94
C LEU A 110 -4.62 12.44 -17.36
N VAL A 111 -5.48 11.98 -18.28
CA VAL A 111 -5.43 12.38 -19.69
C VAL A 111 -6.83 12.68 -20.21
N LYS A 112 -6.87 13.32 -21.37
CA LYS A 112 -8.13 13.44 -22.11
C LYS A 112 -8.59 12.06 -22.57
N LYS A 113 -9.89 11.80 -22.44
CA LYS A 113 -10.42 10.53 -22.94
C LYS A 113 -10.08 10.37 -24.41
N GLY A 114 -9.67 9.17 -24.79
CA GLY A 114 -9.22 8.93 -26.14
C GLY A 114 -7.74 9.15 -26.35
N SER A 115 -7.03 9.66 -25.35
CA SER A 115 -5.58 9.77 -25.44
C SER A 115 -4.97 8.42 -25.79
N GLN A 116 -3.83 8.45 -26.46
CA GLN A 116 -3.11 7.21 -26.72
C GLN A 116 -2.24 6.78 -25.55
N ILE A 117 -2.21 7.57 -24.49
CA ILE A 117 -1.42 7.26 -23.31
C ILE A 117 -2.27 6.38 -22.41
N LYS A 118 -1.80 5.15 -22.17
CA LYS A 118 -2.48 4.24 -21.27
C LYS A 118 -1.65 3.86 -20.05
N SER A 119 -0.40 4.31 -19.95
CA SER A 119 0.44 3.94 -18.83
C SER A 119 1.62 4.89 -18.75
N VAL A 120 2.27 4.92 -17.56
CA VAL A 120 3.55 5.61 -17.41
C VAL A 120 4.57 5.13 -18.44
N ASP A 121 4.43 3.90 -18.94
CA ASP A 121 5.35 3.42 -19.98
C ASP A 121 5.18 4.18 -21.30
N ASP A 122 4.04 4.80 -21.53
CA ASP A 122 3.82 5.53 -22.79
C ASP A 122 4.39 6.95 -22.76
N LEU A 123 5.03 7.36 -21.67
CA LEU A 123 5.54 8.72 -21.50
C LEU A 123 6.97 8.82 -22.00
N ASN A 124 7.11 8.78 -23.31
CA ASN A 124 8.42 8.80 -23.95
C ASN A 124 8.83 10.23 -24.30
N ALA A 125 9.89 10.36 -25.10
CA ALA A 125 10.40 11.69 -25.42
C ALA A 125 9.40 12.53 -26.19
N SER A 126 8.36 11.92 -26.77
CA SER A 126 7.36 12.65 -27.50
C SER A 126 6.30 13.28 -26.61
N THR A 127 6.32 13.02 -25.30
CA THR A 127 5.24 13.45 -24.43
C THR A 127 5.68 14.55 -23.47
N THR A 128 4.73 15.37 -23.06
CA THR A 128 4.92 16.39 -22.03
C THR A 128 3.98 16.05 -20.89
N VAL A 129 4.51 16.03 -19.67
N VAL A 129 4.48 16.01 -19.67
CA VAL A 129 3.74 15.73 -18.47
CA VAL A 129 3.62 15.74 -18.53
C VAL A 129 3.68 16.97 -17.58
C VAL A 129 3.66 16.92 -17.56
N LEU A 130 2.49 17.27 -17.06
CA LEU A 130 2.29 18.41 -16.16
C LEU A 130 2.34 17.95 -14.72
N ALA A 131 3.08 18.68 -13.88
CA ALA A 131 3.18 18.36 -12.46
C ALA A 131 3.32 19.65 -11.69
N VAL A 132 3.10 19.58 -10.37
CA VAL A 132 3.22 20.75 -9.51
C VAL A 132 4.69 20.97 -9.17
N LYS A 133 5.13 22.21 -9.33
CA LYS A 133 6.50 22.59 -9.03
C LYS A 133 6.86 22.24 -7.59
N GLY A 134 8.02 21.60 -7.42
CA GLY A 134 8.52 21.23 -6.11
C GLY A 134 7.97 19.95 -5.52
N SER A 135 7.02 19.32 -6.21
CA SER A 135 6.32 18.18 -5.64
C SER A 135 7.14 16.90 -5.76
N THR A 136 6.80 15.96 -4.89
CA THR A 136 7.33 14.61 -5.04
C THR A 136 6.91 14.02 -6.37
N SER A 137 5.69 14.37 -6.81
CA SER A 137 5.18 13.86 -8.08
C SER A 137 6.08 14.25 -9.24
N ALA A 138 6.54 15.50 -9.26
CA ALA A 138 7.44 15.93 -10.31
C ALA A 138 8.74 15.17 -10.24
N ALA A 139 9.25 14.93 -9.02
CA ALA A 139 10.52 14.24 -8.92
C ALA A 139 10.38 12.80 -9.36
N ASN A 140 9.23 12.20 -9.05
CA ASN A 140 9.01 10.80 -9.37
C ASN A 140 8.85 10.60 -10.85
N ILE A 141 8.19 11.53 -11.53
CA ILE A 141 7.93 11.31 -12.93
C ILE A 141 9.24 11.44 -13.70
N ARG A 142 10.20 12.21 -13.18
N ARG A 142 10.19 12.21 -13.18
CA ARG A 142 11.50 12.30 -13.83
CA ARG A 142 11.50 12.30 -13.82
C ARG A 142 12.27 10.99 -13.71
C ARG A 142 12.24 10.97 -13.74
N GLN A 143 12.07 10.23 -12.64
CA GLN A 143 12.76 8.96 -12.52
C GLN A 143 12.04 7.85 -13.29
N HIS A 144 10.70 7.89 -13.32
CA HIS A 144 9.93 6.82 -13.95
C HIS A 144 9.78 7.02 -15.45
N ALA A 145 9.80 8.25 -15.92
CA ALA A 145 9.69 8.58 -17.33
C ALA A 145 10.81 9.54 -17.68
N PRO A 146 12.06 9.06 -17.65
CA PRO A 146 13.21 9.98 -17.70
C PRO A 146 13.33 10.79 -18.98
N ASP A 147 12.66 10.40 -20.06
CA ASP A 147 12.80 11.12 -21.32
C ASP A 147 11.65 12.08 -21.57
N ALA A 148 10.56 11.97 -20.81
CA ALA A 148 9.43 12.87 -20.98
C ALA A 148 9.83 14.30 -20.62
N LYS A 149 9.20 15.26 -21.28
CA LYS A 149 9.37 16.65 -20.93
C LYS A 149 8.43 16.96 -19.76
N ILE A 150 8.96 17.53 -18.68
CA ILE A 150 8.13 17.92 -17.54
C ILE A 150 7.89 19.42 -17.57
N LEU A 151 6.63 19.81 -17.51
CA LEU A 151 6.24 21.20 -17.32
C LEU A 151 5.70 21.35 -15.92
N GLU A 152 6.32 22.20 -15.11
CA GLU A 152 5.91 22.40 -13.73
C GLU A 152 5.04 23.66 -13.62
N LEU A 153 3.93 23.54 -12.88
CA LEU A 153 2.97 24.62 -12.64
C LEU A 153 2.84 24.83 -11.14
N GLU A 154 2.16 25.92 -10.77
N GLU A 154 2.18 25.92 -10.73
CA GLU A 154 2.14 26.36 -9.38
CA GLU A 154 2.20 26.29 -9.32
C GLU A 154 1.28 25.46 -8.49
C GLU A 154 1.31 25.41 -8.47
N ASN A 155 0.22 24.87 -9.03
CA ASN A 155 -0.75 24.16 -8.21
C ASN A 155 -1.60 23.29 -9.12
N TYR A 156 -2.45 22.47 -8.49
CA TYR A 156 -3.26 21.55 -9.28
C TYR A 156 -4.13 22.27 -10.27
N ALA A 157 -4.73 23.39 -9.86
CA ALA A 157 -5.66 24.10 -10.74
C ALA A 157 -4.97 24.55 -12.02
N GLU A 158 -3.77 25.10 -11.88
CA GLU A 158 -3.01 25.58 -13.02
C GLU A 158 -2.56 24.42 -13.90
N ALA A 159 -2.21 23.30 -13.29
CA ALA A 159 -1.85 22.13 -14.07
C ALA A 159 -3.03 21.63 -14.88
N PHE A 160 -4.22 21.60 -14.25
CA PHE A 160 -5.39 21.11 -14.99
C PHE A 160 -5.79 22.07 -16.11
N THR A 161 -5.65 23.38 -15.89
CA THR A 161 -5.96 24.32 -16.98
C THR A 161 -4.98 24.15 -18.13
N ALA A 162 -3.72 23.84 -17.82
CA ALA A 162 -2.75 23.56 -18.88
C ALA A 162 -3.07 22.26 -19.60
N LEU A 163 -3.59 21.25 -18.88
CA LEU A 163 -3.98 20.02 -19.56
C LEU A 163 -5.14 20.26 -20.50
N GLN A 164 -6.16 20.98 -20.03
CA GLN A 164 -7.32 21.26 -20.87
C GLN A 164 -6.93 21.98 -22.14
N SER A 165 -5.94 22.87 -22.07
CA SER A 165 -5.53 23.67 -23.22
C SER A 165 -4.52 22.97 -24.10
N GLY A 166 -4.11 21.75 -23.77
CA GLY A 166 -3.19 21.02 -24.61
C GLY A 166 -1.73 21.35 -24.41
N GLN A 167 -1.38 22.10 -23.37
CA GLN A 167 0.02 22.34 -23.06
C GLN A 167 0.75 21.09 -22.65
N GLY A 168 0.04 20.02 -22.32
CA GLY A 168 0.66 18.77 -21.94
C GLY A 168 -0.21 17.61 -22.35
N ASP A 169 0.40 16.44 -22.40
CA ASP A 169 -0.35 15.24 -22.76
C ASP A 169 -0.95 14.54 -21.57
N ALA A 170 -0.40 14.75 -20.37
CA ALA A 170 -0.93 14.13 -19.19
C ALA A 170 -0.58 14.97 -17.99
N MSE A 171 -1.39 14.83 -16.94
CA MSE A 171 -1.09 15.47 -15.65
C MSE A 171 -0.83 14.38 -14.62
O MSE A 171 -1.47 13.32 -14.67
CB MSE A 171 -2.27 16.36 -15.26
CG MSE A 171 -2.23 16.86 -13.85
SE MSE A 171 -3.81 17.93 -13.49
CE MSE A 171 -3.49 17.92 -11.57
N THR A 172 0.10 14.62 -13.70
CA THR A 172 0.39 13.59 -12.73
C THR A 172 0.36 14.13 -11.31
N THR A 173 -0.26 13.36 -10.41
CA THR A 173 -0.17 13.48 -8.96
C THR A 173 -0.85 12.23 -8.41
N ASP A 174 -1.22 12.19 -7.14
CA ASP A 174 -1.81 10.96 -6.59
C ASP A 174 -3.11 10.61 -7.28
N ASN A 175 -3.34 9.31 -7.47
CA ASN A 175 -4.56 8.85 -8.12
C ASN A 175 -5.81 9.44 -7.49
N ALA A 176 -5.88 9.49 -6.15
CA ALA A 176 -7.14 9.89 -5.51
C ALA A 176 -7.37 11.38 -5.67
N ILE A 177 -6.29 12.15 -5.81
CA ILE A 177 -6.40 13.56 -6.11
C ILE A 177 -6.87 13.76 -7.54
N LEU A 178 -6.29 13.01 -8.48
CA LEU A 178 -6.74 13.08 -9.87
C LEU A 178 -8.20 12.65 -10.01
N LEU A 179 -8.66 11.70 -9.19
N LEU A 179 -8.64 11.70 -9.18
CA LEU A 179 -10.06 11.27 -9.20
CA LEU A 179 -10.03 11.26 -9.19
C LEU A 179 -10.98 12.45 -8.92
C LEU A 179 -10.97 12.44 -8.90
N GLY A 180 -10.62 13.28 -7.94
CA GLY A 180 -11.44 14.46 -7.63
C GLY A 180 -11.53 15.41 -8.81
N ILE A 181 -10.60 15.32 -9.73
CA ILE A 181 -10.66 16.13 -10.94
C ILE A 181 -11.42 15.41 -12.06
N ALA A 182 -11.24 14.09 -12.19
CA ALA A 182 -11.91 13.34 -13.24
C ALA A 182 -13.42 13.29 -13.04
N ASP A 183 -13.89 13.05 -11.82
N ASP A 183 -13.89 13.07 -11.81
CA ASP A 183 -15.33 12.94 -11.61
CA ASP A 183 -15.34 12.95 -11.62
C ASP A 183 -16.05 14.26 -11.84
C ASP A 183 -16.05 14.27 -11.88
N GLU A 184 -15.34 15.39 -11.73
CA GLU A 184 -15.89 16.71 -12.02
C GLU A 184 -15.82 17.08 -13.50
N ASN A 185 -14.94 16.42 -14.25
CA ASN A 185 -14.62 16.74 -15.64
C ASN A 185 -14.64 15.44 -16.43
N PRO A 186 -15.82 14.96 -16.83
CA PRO A 186 -15.92 13.61 -17.42
C PRO A 186 -15.24 13.43 -18.78
N GLU A 187 -14.69 14.46 -19.42
N GLU A 187 -14.70 14.46 -19.41
CA GLU A 187 -13.89 14.27 -20.63
CA GLU A 187 -13.90 14.28 -20.62
C GLU A 187 -12.49 13.74 -20.33
C GLU A 187 -12.48 13.82 -20.32
N TYR A 188 -12.15 13.56 -19.05
CA TYR A 188 -10.81 13.20 -18.62
C TYR A 188 -10.88 11.92 -17.81
N GLU A 189 -9.83 11.10 -17.86
CA GLU A 189 -9.84 9.88 -17.07
C GLU A 189 -8.44 9.51 -16.62
N LEU A 190 -8.39 8.75 -15.52
N LEU A 190 -8.40 8.74 -15.53
CA LEU A 190 -7.15 8.14 -15.07
CA LEU A 190 -7.17 8.12 -15.06
C LEU A 190 -6.81 6.97 -16.00
C LEU A 190 -6.82 6.94 -15.96
N VAL A 191 -5.53 6.79 -16.26
CA VAL A 191 -5.08 5.69 -17.10
C VAL A 191 -3.87 5.05 -16.46
N GLY A 192 -3.83 3.72 -16.52
CA GLY A 192 -2.63 2.97 -16.21
C GLY A 192 -2.37 2.67 -14.75
N GLY A 193 -3.40 2.62 -13.91
CA GLY A 193 -3.01 2.22 -12.55
C GLY A 193 -2.10 3.22 -11.87
N THR A 194 -1.25 2.72 -10.97
CA THR A 194 -0.35 3.59 -10.23
C THR A 194 1.08 3.13 -10.37
N PHE A 195 2.05 4.04 -10.23
CA PHE A 195 3.45 3.65 -10.36
C PHE A 195 4.27 4.04 -9.14
N THR A 196 3.63 4.50 -8.07
CA THR A 196 4.24 4.59 -6.76
C THR A 196 3.25 4.15 -5.73
N ASN A 197 3.73 3.94 -4.51
CA ASN A 197 2.88 3.85 -3.33
C ASN A 197 2.93 5.16 -2.53
N GLU A 198 1.75 5.71 -2.22
CA GLU A 198 1.65 6.98 -1.49
C GLU A 198 0.79 6.76 -0.26
N PRO A 199 1.31 6.09 0.78
CA PRO A 199 0.51 5.88 2.00
C PRO A 199 0.42 7.19 2.78
N TYR A 200 -0.80 7.68 3.03
CA TYR A 200 -0.96 8.95 3.74
C TYR A 200 -0.88 8.72 5.24
N GLY A 201 -0.15 9.62 5.93
CA GLY A 201 -0.13 9.63 7.37
C GLY A 201 -0.44 11.03 7.89
N ILE A 202 -0.73 11.09 9.19
CA ILE A 202 -0.89 12.36 9.91
C ILE A 202 0.47 12.71 10.50
N ALA A 203 0.98 13.89 10.15
CA ALA A 203 2.30 14.29 10.67
C ALA A 203 2.14 15.10 11.94
N ILE A 204 3.02 14.80 12.91
CA ILE A 204 3.08 15.46 14.21
C ILE A 204 4.52 15.86 14.45
N ASN A 205 4.73 16.98 15.14
CA ASN A 205 6.08 17.43 15.38
C ASN A 205 6.83 16.41 16.24
N LYS A 206 8.16 16.35 16.05
CA LYS A 206 8.99 15.58 16.96
C LYS A 206 8.78 16.05 18.38
N GLY A 207 8.92 15.12 19.31
CA GLY A 207 8.78 15.46 20.71
C GLY A 207 7.35 15.60 21.20
N GLN A 208 6.39 14.98 20.51
CA GLN A 208 4.97 15.00 20.85
C GLN A 208 4.43 13.59 20.94
N GLU A 209 5.18 12.72 21.63
CA GLU A 209 4.86 11.30 21.64
C GLU A 209 3.50 11.03 22.27
N ASN A 210 3.13 11.79 23.32
CA ASN A 210 1.82 11.56 23.94
C ASN A 210 0.69 11.88 22.97
N PHE A 211 0.82 12.95 22.21
CA PHE A 211 -0.21 13.30 21.23
C PHE A 211 -0.23 12.30 20.08
N LEU A 212 0.93 11.90 19.58
CA LEU A 212 0.99 10.87 18.55
C LEU A 212 0.29 9.60 19.00
N LYS A 213 0.55 9.15 20.25
CA LYS A 213 -0.11 7.95 20.74
C LYS A 213 -1.62 8.14 20.77
N ALA A 214 -2.07 9.33 21.21
CA ALA A 214 -3.51 9.60 21.24
C ALA A 214 -4.13 9.59 19.84
N VAL A 215 -3.42 10.12 18.85
CA VAL A 215 -3.93 10.10 17.48
C VAL A 215 -4.01 8.65 16.97
N ASN A 216 -2.97 7.86 17.22
CA ASN A 216 -3.02 6.48 16.76
C ASN A 216 -4.12 5.70 17.50
N GLN A 217 -4.34 5.98 18.79
CA GLN A 217 -5.40 5.28 19.50
C GLN A 217 -6.76 5.69 18.96
N ALA A 218 -6.92 6.96 18.62
CA ALA A 218 -8.18 7.40 18.01
C ALA A 218 -8.46 6.65 16.72
N LEU A 219 -7.44 6.55 15.86
CA LEU A 219 -7.60 5.82 14.59
C LEU A 219 -7.97 4.37 14.86
N GLU A 220 -7.32 3.74 15.83
CA GLU A 220 -7.64 2.35 16.18
C GLU A 220 -9.11 2.22 16.57
N GLU A 221 -9.60 3.12 17.42
CA GLU A 221 -11.01 3.09 17.81
C GLU A 221 -11.92 3.31 16.61
N MSE A 222 -11.54 4.20 15.71
CA MSE A 222 -12.33 4.46 14.52
C MSE A 222 -12.40 3.28 13.58
O MSE A 222 -13.43 3.03 12.96
CB MSE A 222 -11.77 5.69 13.79
CG MSE A 222 -12.03 6.99 14.58
SE MSE A 222 -10.86 8.40 14.00
CE MSE A 222 -11.40 8.49 12.13
N HIS A 223 -11.31 2.54 13.48
CA HIS A 223 -11.38 1.32 12.68
C HIS A 223 -12.27 0.29 13.36
N ALA A 224 -12.20 0.19 14.68
CA ALA A 224 -12.95 -0.83 15.41
C ALA A 224 -14.45 -0.56 15.39
N ASP A 225 -14.88 0.70 15.46
CA ASP A 225 -16.30 0.96 15.60
C ASP A 225 -16.95 1.38 14.29
N GLY A 226 -16.23 1.33 13.17
CA GLY A 226 -16.82 1.62 11.88
C GLY A 226 -16.83 3.07 11.48
N THR A 227 -16.35 3.98 12.36
CA THR A 227 -16.27 5.39 11.97
C THR A 227 -15.38 5.57 10.76
N TYR A 228 -14.22 4.91 10.75
CA TYR A 228 -13.34 5.01 9.59
C TYR A 228 -14.04 4.53 8.32
N ASP A 229 -14.70 3.37 8.41
CA ASP A 229 -15.32 2.83 7.21
C ASP A 229 -16.43 3.73 6.68
N LYS A 230 -17.17 4.36 7.59
CA LYS A 230 -18.23 5.29 7.21
C LYS A 230 -17.67 6.50 6.48
N ILE A 231 -16.59 7.08 7.00
CA ILE A 231 -15.98 8.25 6.36
C ILE A 231 -15.38 7.87 5.01
N TYR A 232 -14.74 6.69 4.93
CA TYR A 232 -14.18 6.25 3.65
C TYR A 232 -15.30 6.07 2.62
N GLN A 233 -16.37 5.38 3.00
CA GLN A 233 -17.48 5.14 2.07
C GLN A 233 -18.07 6.46 1.57
N LYS A 234 -18.16 7.47 2.46
CA LYS A 234 -18.70 8.77 2.08
C LYS A 234 -17.92 9.39 0.93
N TRP A 235 -16.59 9.40 1.03
CA TRP A 235 -15.79 10.11 0.05
C TRP A 235 -15.39 9.27 -1.15
N PHE A 236 -15.32 7.93 -1.01
CA PHE A 236 -14.82 7.05 -2.08
C PHE A 236 -15.82 5.91 -2.28
N PRO A 237 -17.07 6.26 -2.64
CA PRO A 237 -18.14 5.25 -2.66
C PRO A 237 -17.98 4.19 -3.73
N ASN A 238 -17.15 4.42 -4.73
CA ASN A 238 -17.03 3.48 -5.84
C ASN A 238 -15.61 2.99 -6.03
N GLU A 239 -14.71 3.26 -5.08
N GLU A 239 -14.69 3.33 -5.13
CA GLU A 239 -13.28 2.98 -5.24
CA GLU A 239 -13.29 2.93 -5.27
C GLU A 239 -12.74 2.51 -3.90
C GLU A 239 -12.79 2.49 -3.91
N THR A 240 -12.59 1.20 -3.76
CA THR A 240 -12.21 0.67 -2.47
C THR A 240 -10.70 0.52 -2.29
N GLU A 241 -9.87 0.67 -3.35
CA GLU A 241 -8.44 0.30 -3.24
C GLU A 241 -7.68 1.13 -2.21
N GLY A 242 -8.08 2.36 -2.00
CA GLY A 242 -7.37 3.23 -1.07
C GLY A 242 -7.66 2.96 0.40
N LYS A 243 -8.66 2.14 0.69
CA LYS A 243 -9.05 1.91 2.06
C LYS A 243 -8.03 1.07 2.80
N VAL A 244 -7.72 1.50 4.02
CA VAL A 244 -6.90 0.73 4.94
C VAL A 244 -7.83 -0.28 5.63
N GLU A 245 -7.60 -1.56 5.34
CA GLU A 245 -8.21 -2.67 6.03
C GLU A 245 -7.15 -3.32 6.95
N ALA B 3 -4.77 -26.28 18.41
CA ALA B 3 -4.91 -24.91 17.94
C ALA B 3 -5.26 -23.97 19.09
N ASN B 4 -6.21 -24.39 19.93
CA ASN B 4 -6.66 -23.55 21.03
C ASN B 4 -5.58 -23.31 22.08
N GLU B 5 -4.49 -24.08 22.06
N GLU B 5 -4.50 -24.07 22.07
CA GLU B 5 -3.41 -23.84 23.01
CA GLU B 5 -3.44 -23.83 23.05
C GLU B 5 -2.73 -22.51 22.71
C GLU B 5 -2.73 -22.53 22.72
N ASP B 6 -2.52 -21.71 23.75
CA ASP B 6 -1.98 -20.37 23.56
C ASP B 6 -0.52 -20.44 23.08
N ILE B 7 -0.22 -19.73 21.98
CA ILE B 7 1.09 -19.88 21.34
C ILE B 7 2.22 -19.33 22.22
N LEU B 8 2.00 -18.18 22.87
CA LEU B 8 3.04 -17.68 23.79
C LEU B 8 3.24 -18.60 25.00
N GLU B 9 2.14 -19.13 25.55
CA GLU B 9 2.30 -20.05 26.66
C GLU B 9 3.11 -21.27 26.25
N ARG B 10 2.80 -21.83 25.06
CA ARG B 10 3.51 -23.01 24.59
C ARG B 10 4.99 -22.70 24.43
N SER B 11 5.31 -21.49 23.95
CA SER B 11 6.72 -21.13 23.72
C SER B 11 7.53 -21.17 25.00
N LYS B 12 6.90 -21.01 26.17
CA LYS B 12 7.63 -21.16 27.43
C LYS B 12 8.28 -22.53 27.55
N SER B 13 7.63 -23.56 26.99
CA SER B 13 8.22 -24.89 26.98
C SER B 13 9.11 -25.12 25.76
N THR B 14 8.66 -24.74 24.56
CA THR B 14 9.33 -25.19 23.34
C THR B 14 10.41 -24.23 22.84
N ASN B 15 10.37 -22.97 23.29
CA ASN B 15 11.32 -21.96 22.85
C ASN B 15 11.38 -21.86 21.32
N GLU B 16 10.22 -21.96 20.68
N GLU B 16 10.21 -21.92 20.69
CA GLU B 16 10.21 -21.94 19.22
CA GLU B 16 10.12 -22.02 19.24
C GLU B 16 8.87 -21.42 18.70
C GLU B 16 8.86 -21.31 18.76
N ILE B 17 8.95 -20.71 17.57
CA ILE B 17 7.77 -20.29 16.82
C ILE B 17 7.80 -20.98 15.46
N ILE B 18 6.65 -21.50 15.03
CA ILE B 18 6.53 -22.26 13.79
C ILE B 18 5.83 -21.38 12.76
N TRP B 19 6.50 -21.10 11.67
CA TRP B 19 6.05 -20.13 10.68
C TRP B 19 5.70 -20.84 9.39
N GLY B 20 4.53 -20.54 8.85
CA GLY B 20 4.16 -20.98 7.52
C GLY B 20 4.62 -20.01 6.45
N VAL B 21 5.47 -20.48 5.53
CA VAL B 21 6.09 -19.65 4.51
C VAL B 21 5.94 -20.32 3.16
N LYS B 22 6.00 -19.51 2.10
CA LYS B 22 6.10 -20.06 0.76
C LYS B 22 7.45 -20.75 0.59
N TYR B 23 7.47 -21.78 -0.25
CA TYR B 23 8.71 -22.43 -0.65
C TYR B 23 9.06 -22.15 -2.11
N ASP B 24 8.22 -21.43 -2.83
CA ASP B 24 8.34 -21.29 -4.27
C ASP B 24 8.37 -19.83 -4.71
N THR B 25 8.53 -18.89 -3.80
CA THR B 25 8.37 -17.48 -4.16
C THR B 25 9.72 -16.78 -3.97
N ARG B 26 10.46 -16.62 -5.06
N ARG B 26 10.47 -16.62 -5.06
CA ARG B 26 11.76 -15.96 -4.97
CA ARG B 26 11.78 -15.97 -4.95
C ARG B 26 11.61 -14.56 -4.39
C ARG B 26 11.62 -14.56 -4.40
N LEU B 27 12.53 -14.19 -3.50
CA LEU B 27 12.62 -12.93 -2.75
C LEU B 27 11.80 -12.94 -1.47
N PHE B 28 10.88 -13.90 -1.32
CA PHE B 28 10.03 -13.94 -0.13
C PHE B 28 10.18 -15.24 0.65
N GLY B 29 9.96 -16.39 0.01
CA GLY B 29 10.15 -17.67 0.66
C GLY B 29 10.39 -18.67 -0.43
N MSE B 30 11.63 -19.12 -0.53
N MSE B 30 11.65 -19.02 -0.65
CA MSE B 30 12.06 -20.00 -1.60
CA MSE B 30 11.98 -20.07 -1.63
C MSE B 30 12.97 -21.07 -1.03
C MSE B 30 12.91 -21.07 -0.99
O MSE B 30 13.97 -20.74 -0.41
O MSE B 30 13.84 -20.70 -0.28
CB MSE B 30 12.79 -19.20 -2.66
CB MSE B 30 12.64 -19.50 -2.90
CG MSE B 30 13.75 -20.01 -3.47
CG MSE B 30 13.66 -20.48 -3.54
SE MSE B 30 13.13 -19.91 -5.26
SE MSE B 30 13.48 -20.93 -5.43
CE MSE B 30 11.60 -21.07 -5.12
CE MSE B 30 14.15 -19.24 -6.16
N MSE B 31 12.66 -22.35 -1.26
CA MSE B 31 13.54 -23.40 -0.79
C MSE B 31 14.82 -23.42 -1.60
O MSE B 31 14.78 -23.52 -2.83
CB MSE B 31 12.86 -24.75 -0.86
CG MSE B 31 13.84 -25.90 -0.60
SE MSE B 31 14.63 -25.88 1.20
CE MSE B 31 13.04 -26.30 2.22
N ASP B 32 15.96 -23.31 -0.93
CA ASP B 32 17.25 -23.39 -1.58
C ASP B 32 17.72 -24.83 -1.52
N ILE B 33 17.96 -25.42 -2.69
CA ILE B 33 18.15 -26.88 -2.79
C ILE B 33 19.50 -27.28 -2.18
N GLU B 34 20.55 -26.52 -2.49
N GLU B 34 20.55 -26.51 -2.48
CA GLU B 34 21.88 -26.83 -1.97
CA GLU B 34 21.88 -26.84 -1.97
C GLU B 34 21.88 -26.92 -0.44
C GLU B 34 21.90 -26.90 -0.45
N SER B 35 21.46 -25.83 0.21
CA SER B 35 21.51 -25.74 1.66
C SER B 35 20.31 -26.36 2.34
N ARG B 36 19.26 -26.74 1.58
CA ARG B 36 18.08 -27.36 2.16
C ARG B 36 17.39 -26.41 3.14
N THR B 37 17.48 -25.11 2.90
CA THR B 37 16.90 -24.12 3.78
C THR B 37 16.11 -23.10 2.97
N VAL B 38 15.05 -22.62 3.56
CA VAL B 38 14.20 -21.64 2.88
C VAL B 38 14.77 -20.26 3.13
N GLN B 39 14.66 -19.39 2.12
CA GLN B 39 15.26 -18.05 2.14
C GLN B 39 14.29 -17.03 1.56
N GLY B 40 14.43 -15.79 2.00
CA GLY B 40 13.63 -14.70 1.47
C GLY B 40 13.31 -13.65 2.51
N PHE B 41 12.70 -12.57 2.05
CA PHE B 41 12.29 -11.48 2.93
C PHE B 41 11.34 -11.97 4.01
N ASP B 42 10.30 -12.74 3.64
CA ASP B 42 9.36 -13.23 4.65
C ASP B 42 10.09 -14.10 5.69
N VAL B 43 10.99 -14.97 5.22
CA VAL B 43 11.79 -15.81 6.11
C VAL B 43 12.62 -14.94 7.07
N ASP B 44 13.27 -13.90 6.54
CA ASP B 44 14.13 -13.08 7.39
C ASP B 44 13.32 -12.26 8.40
N ILE B 45 12.17 -11.74 7.97
CA ILE B 45 11.28 -11.06 8.92
C ILE B 45 10.85 -12.02 10.03
N ALA B 46 10.48 -13.26 9.66
CA ALA B 46 10.09 -14.26 10.65
C ALA B 46 11.19 -14.50 11.67
N LYS B 47 12.42 -14.69 11.19
CA LYS B 47 13.54 -14.93 12.11
C LYS B 47 13.74 -13.75 13.04
N ALA B 48 13.68 -12.53 12.51
CA ALA B 48 13.89 -11.34 13.34
C ALA B 48 12.78 -11.19 14.39
N ILE B 49 11.53 -11.49 14.01
CA ILE B 49 10.44 -11.40 14.98
C ILE B 49 10.64 -12.41 16.07
N THR B 50 11.00 -13.64 15.70
CA THR B 50 11.21 -14.68 16.69
C THR B 50 12.27 -14.27 17.71
N LYS B 51 13.34 -13.62 17.25
CA LYS B 51 14.36 -13.19 18.22
C LYS B 51 13.85 -12.07 19.13
N LYS B 52 12.99 -11.18 18.62
CA LYS B 52 12.40 -10.17 19.49
C LYS B 52 11.48 -10.82 20.53
N ILE B 53 10.68 -11.80 20.13
CA ILE B 53 9.68 -12.34 21.05
C ILE B 53 10.34 -13.23 22.08
N LEU B 54 11.20 -14.15 21.63
CA LEU B 54 11.78 -15.17 22.49
C LEU B 54 13.16 -14.82 22.98
N GLY B 55 13.81 -13.82 22.41
CA GLY B 55 15.17 -13.51 22.78
C GLY B 55 16.18 -14.24 21.93
N ASP B 56 17.44 -14.05 22.32
CA ASP B 56 18.60 -14.41 21.51
C ASP B 56 18.55 -15.84 21.00
N ASN B 57 18.20 -16.79 21.87
CA ASN B 57 18.27 -18.18 21.48
C ASN B 57 16.91 -18.76 21.08
N GLY B 58 15.95 -17.90 20.75
CA GLY B 58 14.68 -18.40 20.27
C GLY B 58 14.83 -19.12 18.94
N LYS B 59 14.08 -20.20 18.77
CA LYS B 59 14.19 -21.00 17.57
C LYS B 59 13.05 -20.75 16.60
N THR B 60 13.35 -20.94 15.31
N THR B 60 13.36 -20.87 15.32
CA THR B 60 12.42 -20.65 14.22
CA THR B 60 12.37 -20.76 14.27
C THR B 60 12.29 -21.90 13.36
C THR B 60 12.20 -22.14 13.62
N GLU B 61 11.08 -22.45 13.29
N GLU B 61 10.96 -22.46 13.29
CA GLU B 61 10.78 -23.59 12.43
CA GLU B 61 10.66 -23.60 12.46
C GLU B 61 9.86 -23.14 11.29
C GLU B 61 9.83 -23.12 11.28
N PHE B 62 10.16 -23.60 10.09
CA PHE B 62 9.42 -23.25 8.89
C PHE B 62 8.67 -24.46 8.34
N VAL B 63 7.43 -24.20 7.91
CA VAL B 63 6.53 -25.18 7.32
C VAL B 63 6.04 -24.61 5.99
N GLU B 64 6.09 -25.40 4.94
CA GLU B 64 5.62 -24.93 3.66
C GLU B 64 4.10 -24.72 3.67
N VAL B 65 3.67 -23.54 3.20
CA VAL B 65 2.27 -23.31 2.88
C VAL B 65 2.17 -22.84 1.42
N THR B 66 0.97 -22.97 0.87
CA THR B 66 0.61 -22.34 -0.38
C THR B 66 -0.50 -21.33 -0.11
N SER B 67 -0.89 -20.57 -1.12
CA SER B 67 -2.05 -19.71 -0.94
C SER B 67 -3.30 -20.53 -0.62
N LYS B 68 -3.37 -21.77 -1.14
CA LYS B 68 -4.51 -22.63 -0.85
C LYS B 68 -4.45 -23.17 0.58
N THR B 69 -3.29 -23.63 1.03
CA THR B 69 -3.22 -24.35 2.29
C THR B 69 -2.95 -23.45 3.49
N ARG B 70 -2.60 -22.17 3.28
CA ARG B 70 -2.07 -21.43 4.42
C ARG B 70 -3.12 -21.23 5.51
N ILE B 71 -4.34 -20.83 5.15
CA ILE B 71 -5.33 -20.63 6.22
C ILE B 71 -5.72 -21.98 6.85
N PRO B 72 -6.04 -23.03 6.09
CA PRO B 72 -6.32 -24.32 6.74
C PRO B 72 -5.25 -24.79 7.70
N LEU B 73 -3.96 -24.65 7.34
CA LEU B 73 -2.87 -25.05 8.23
C LEU B 73 -2.79 -24.17 9.46
N LEU B 74 -2.99 -22.86 9.28
CA LEU B 74 -3.00 -21.96 10.43
C LEU B 74 -4.14 -22.29 11.39
N LYS B 75 -5.36 -22.43 10.86
CA LYS B 75 -6.51 -22.60 11.75
C LYS B 75 -6.48 -23.96 12.42
N ASN B 76 -5.78 -24.92 11.85
CA ASN B 76 -5.65 -26.24 12.45
C ASN B 76 -4.50 -26.32 13.45
N GLY B 77 -3.69 -25.27 13.59
CA GLY B 77 -2.60 -25.27 14.55
C GLY B 77 -1.31 -25.88 14.07
N ASN B 78 -1.19 -26.23 12.78
CA ASN B 78 0.06 -26.79 12.27
C ASN B 78 1.18 -25.78 12.31
N ILE B 79 0.83 -24.49 12.19
CA ILE B 79 1.77 -23.39 12.23
C ILE B 79 1.18 -22.35 13.17
N ASP B 80 2.05 -21.48 13.71
CA ASP B 80 1.64 -20.43 14.62
C ASP B 80 1.28 -19.15 13.88
N ALA B 81 1.86 -18.93 12.71
CA ALA B 81 1.63 -17.71 11.97
C ALA B 81 1.92 -17.97 10.51
N ILE B 82 1.22 -17.23 9.63
CA ILE B 82 1.49 -17.23 8.19
C ILE B 82 2.27 -15.98 7.86
N ILE B 83 3.46 -16.14 7.28
CA ILE B 83 4.14 -15.00 6.66
C ILE B 83 4.52 -15.46 5.26
N ALA B 84 3.67 -15.13 4.29
CA ALA B 84 3.72 -15.79 3.00
C ALA B 84 3.00 -14.93 1.98
N THR B 85 3.58 -13.75 1.68
CA THR B 85 3.06 -12.79 0.69
C THR B 85 1.54 -12.65 0.77
N MSE B 86 1.02 -12.49 2.00
CA MSE B 86 -0.43 -12.56 2.21
C MSE B 86 -1.08 -11.21 2.41
O MSE B 86 -0.82 -10.54 3.40
CB MSE B 86 -0.73 -13.42 3.43
CG MSE B 86 -2.22 -13.77 3.53
SE MSE B 86 -2.39 -15.08 4.96
CE MSE B 86 -4.32 -15.24 4.99
N THR B 87 -1.95 -10.83 1.47
CA THR B 87 -2.60 -9.53 1.58
C THR B 87 -3.66 -9.52 2.66
N ILE B 88 -3.72 -8.42 3.39
CA ILE B 88 -4.78 -8.15 4.36
C ILE B 88 -6.05 -7.77 3.62
N THR B 89 -7.12 -8.52 3.86
CA THR B 89 -8.44 -8.18 3.34
C THR B 89 -9.47 -8.36 4.44
N ASP B 90 -10.56 -7.56 4.37
CA ASP B 90 -11.66 -7.73 5.34
C ASP B 90 -12.26 -9.14 5.26
N GLU B 91 -12.29 -9.74 4.07
N GLU B 91 -12.37 -9.71 4.05
CA GLU B 91 -12.81 -11.10 3.92
CA GLU B 91 -12.80 -11.11 3.96
C GLU B 91 -11.91 -12.11 4.63
C GLU B 91 -11.91 -12.01 4.78
N ARG B 92 -10.60 -11.91 4.57
CA ARG B 92 -9.67 -12.77 5.31
C ARG B 92 -9.72 -12.50 6.79
N LYS B 93 -10.03 -11.26 7.20
CA LYS B 93 -10.16 -10.93 8.61
C LYS B 93 -11.31 -11.66 9.28
N LYS B 94 -12.24 -12.24 8.52
CA LYS B 94 -13.21 -13.14 9.12
C LYS B 94 -12.57 -14.44 9.59
N GLN B 95 -11.45 -14.83 8.97
N GLN B 95 -11.46 -14.85 9.00
CA GLN B 95 -10.80 -16.12 9.18
CA GLN B 95 -10.87 -16.15 9.36
C GLN B 95 -9.60 -16.04 10.11
C GLN B 95 -9.61 -16.03 10.19
N VAL B 96 -8.86 -14.94 10.08
CA VAL B 96 -7.60 -14.79 10.81
C VAL B 96 -7.52 -13.37 11.35
N ASP B 97 -6.62 -13.19 12.31
CA ASP B 97 -6.18 -11.85 12.68
C ASP B 97 -4.91 -11.55 11.90
N PHE B 98 -4.64 -10.27 11.69
CA PHE B 98 -3.43 -9.87 10.98
C PHE B 98 -2.59 -8.92 11.83
N SER B 99 -1.27 -9.07 11.72
CA SER B 99 -0.35 -8.06 12.22
C SER B 99 -0.48 -6.75 11.44
N ASP B 100 0.24 -5.76 11.92
CA ASP B 100 0.53 -4.57 11.12
C ASP B 100 1.15 -4.95 9.78
N VAL B 101 0.91 -4.09 8.79
CA VAL B 101 1.45 -4.29 7.44
C VAL B 101 2.97 -4.26 7.48
N TYR B 102 3.61 -5.22 6.80
CA TYR B 102 5.07 -5.22 6.75
C TYR B 102 5.65 -5.11 5.34
N PHE B 103 4.81 -5.10 4.29
CA PHE B 103 5.26 -4.92 2.91
C PHE B 103 4.09 -4.37 2.11
N ASP B 104 4.37 -3.45 1.18
N ASP B 104 4.35 -3.41 1.22
CA ASP B 104 3.35 -2.76 0.41
CA ASP B 104 3.31 -2.80 0.41
C ASP B 104 3.45 -3.15 -1.08
C ASP B 104 3.50 -3.20 -1.05
N ALA B 105 2.76 -4.23 -1.47
CA ALA B 105 2.80 -4.71 -2.86
C ALA B 105 1.61 -4.16 -3.64
N GLY B 106 1.48 -4.59 -4.89
CA GLY B 106 0.31 -4.27 -5.69
C GLY B 106 0.27 -5.17 -6.88
N GLN B 107 -0.93 -5.52 -7.34
CA GLN B 107 -1.02 -6.46 -8.45
C GLN B 107 -0.55 -5.83 -9.75
N ALA B 108 0.10 -6.63 -10.59
CA ALA B 108 0.72 -6.12 -11.82
C ALA B 108 0.67 -7.19 -12.90
N LEU B 109 1.18 -6.83 -14.07
CA LEU B 109 1.19 -7.69 -15.25
C LEU B 109 2.62 -7.93 -15.71
N LEU B 110 2.90 -9.17 -16.09
CA LEU B 110 4.14 -9.54 -16.74
C LEU B 110 3.84 -10.03 -18.15
N VAL B 111 4.55 -9.48 -19.15
CA VAL B 111 4.37 -9.83 -20.55
C VAL B 111 5.74 -10.02 -21.19
N LYS B 112 5.76 -10.69 -22.34
CA LYS B 112 6.96 -10.70 -23.15
C LYS B 112 7.25 -9.29 -23.67
N LYS B 113 8.50 -8.86 -23.60
CA LYS B 113 8.88 -7.58 -24.20
C LYS B 113 8.39 -7.47 -25.64
N GLY B 114 7.82 -6.30 -25.96
CA GLY B 114 7.27 -6.05 -27.26
C GLY B 114 5.78 -6.34 -27.35
N SER B 115 5.18 -6.92 -26.30
CA SER B 115 3.75 -7.14 -26.28
C SER B 115 3.00 -5.85 -26.58
N GLN B 116 1.84 -5.99 -27.24
CA GLN B 116 0.92 -4.87 -27.39
C GLN B 116 0.25 -4.50 -26.06
N ILE B 117 0.22 -5.41 -25.09
CA ILE B 117 -0.39 -5.18 -23.79
C ILE B 117 0.53 -4.30 -22.95
N LYS B 118 0.05 -3.12 -22.55
CA LYS B 118 0.85 -2.17 -21.79
C LYS B 118 0.34 -1.92 -20.38
N SER B 119 -0.85 -2.38 -20.07
CA SER B 119 -1.44 -2.18 -18.75
C SER B 119 -2.69 -3.01 -18.66
N VAL B 120 -3.29 -3.00 -17.47
CA VAL B 120 -4.53 -3.74 -17.25
C VAL B 120 -5.61 -3.24 -18.20
N ASP B 121 -5.51 -2.00 -18.68
CA ASP B 121 -6.54 -1.46 -19.57
C ASP B 121 -6.55 -2.17 -20.92
N ASP B 122 -5.49 -2.87 -21.28
CA ASP B 122 -5.38 -3.57 -22.56
C ASP B 122 -5.84 -5.04 -22.49
N LEU B 123 -6.37 -5.48 -21.37
CA LEU B 123 -6.91 -6.82 -21.26
C LEU B 123 -8.39 -6.81 -21.62
N ASN B 124 -8.82 -7.82 -22.37
CA ASN B 124 -10.16 -7.83 -22.93
C ASN B 124 -10.48 -9.26 -23.34
N ALA B 125 -11.65 -9.45 -23.98
CA ALA B 125 -12.10 -10.78 -24.34
C ALA B 125 -11.14 -11.52 -25.26
N SER B 126 -10.26 -10.80 -25.95
CA SER B 126 -9.30 -11.45 -26.84
C SER B 126 -8.01 -11.84 -26.16
N THR B 127 -7.78 -11.44 -24.90
CA THR B 127 -6.53 -11.70 -24.20
C THR B 127 -6.76 -12.71 -23.08
N THR B 128 -5.81 -13.63 -22.93
CA THR B 128 -5.84 -14.61 -21.85
C THR B 128 -4.78 -14.23 -20.82
N VAL B 129 -5.18 -14.12 -19.56
CA VAL B 129 -4.27 -13.80 -18.46
C VAL B 129 -4.04 -15.03 -17.62
N LEU B 130 -2.80 -15.25 -17.24
CA LEU B 130 -2.41 -16.40 -16.44
C LEU B 130 -2.35 -15.98 -14.97
N ALA B 131 -2.95 -16.79 -14.09
N ALA B 131 -3.10 -16.70 -14.15
CA ALA B 131 -2.93 -16.52 -12.66
CA ALA B 131 -3.07 -16.49 -12.72
C ALA B 131 -2.84 -17.83 -11.87
C ALA B 131 -3.07 -17.87 -12.08
N VAL B 132 -2.65 -17.71 -10.55
N VAL B 132 -2.89 -17.89 -10.78
CA VAL B 132 -2.47 -18.86 -9.65
CA VAL B 132 -2.89 -19.14 -10.03
C VAL B 132 -3.55 -18.88 -8.57
C VAL B 132 -4.32 -19.53 -9.69
N LYS B 133 -3.99 -20.06 -8.19
N LYS B 133 -4.63 -20.82 -9.81
CA LYS B 133 -5.18 -20.20 -7.37
CA LYS B 133 -5.99 -21.27 -9.53
C LYS B 133 -4.89 -19.98 -5.89
C LYS B 133 -6.43 -20.88 -8.12
N GLY B 134 -5.90 -19.45 -5.18
N GLY B 134 -7.65 -20.37 -8.02
CA GLY B 134 -5.76 -19.03 -3.80
CA GLY B 134 -8.25 -20.00 -6.76
C GLY B 134 -5.34 -17.60 -3.61
C GLY B 134 -7.67 -18.75 -6.12
N SER B 135 -4.93 -16.91 -4.66
N SER B 135 -6.70 -18.12 -6.76
CA SER B 135 -4.43 -15.55 -4.53
CA SER B 135 -5.99 -16.98 -6.18
C SER B 135 -5.55 -14.52 -4.69
C SER B 135 -6.89 -15.74 -6.16
N THR B 136 -5.25 -13.27 -4.28
N THR B 136 -6.57 -14.80 -5.26
CA THR B 136 -6.16 -12.20 -4.64
CA THR B 136 -7.23 -13.51 -5.34
C THR B 136 -6.27 -12.00 -6.15
C THR B 136 -6.81 -12.76 -6.59
N SER B 137 -5.47 -12.70 -6.96
N SER B 137 -5.57 -12.96 -7.05
CA SER B 137 -5.12 -12.22 -8.30
CA SER B 137 -5.12 -12.31 -8.28
C SER B 137 -6.19 -12.53 -9.35
C SER B 137 -6.08 -12.58 -9.42
N ALA B 138 -6.60 -13.80 -9.50
CA ALA B 138 -7.57 -14.11 -10.55
C ALA B 138 -8.86 -13.34 -10.32
N ALA B 139 -9.29 -13.28 -9.06
CA ALA B 139 -10.49 -12.49 -8.75
C ALA B 139 -10.27 -11.02 -9.04
N ASN B 140 -9.10 -10.46 -8.70
CA ASN B 140 -8.87 -9.04 -8.99
C ASN B 140 -8.86 -8.77 -10.49
N ILE B 141 -8.36 -9.70 -11.30
CA ILE B 141 -8.43 -9.51 -12.75
C ILE B 141 -9.87 -9.46 -13.20
N ARG B 142 -10.70 -10.36 -12.70
CA ARG B 142 -12.08 -10.40 -13.16
C ARG B 142 -12.79 -9.09 -12.86
N GLN B 143 -12.29 -8.34 -11.89
CA GLN B 143 -12.83 -7.02 -11.61
C GLN B 143 -12.22 -5.92 -12.47
N HIS B 144 -10.89 -5.88 -12.54
CA HIS B 144 -10.23 -4.77 -13.23
C HIS B 144 -10.13 -5.01 -14.74
N ALA B 145 -10.33 -6.24 -15.19
CA ALA B 145 -10.34 -6.61 -16.60
C ALA B 145 -11.47 -7.60 -16.83
N PRO B 146 -12.71 -7.16 -16.64
CA PRO B 146 -13.83 -8.11 -16.54
C PRO B 146 -14.07 -8.92 -17.80
N ASP B 147 -13.60 -8.47 -18.95
CA ASP B 147 -13.77 -9.20 -20.20
C ASP B 147 -12.64 -10.16 -20.48
N ALA B 148 -11.54 -10.07 -19.74
CA ALA B 148 -10.38 -10.91 -20.00
C ALA B 148 -10.70 -12.38 -19.75
N LYS B 149 -10.04 -13.23 -20.51
CA LYS B 149 -10.09 -14.66 -20.27
C LYS B 149 -8.99 -14.99 -19.28
N ILE B 150 -9.30 -15.88 -18.34
N ILE B 150 -9.31 -15.89 -18.35
CA ILE B 150 -8.36 -16.26 -17.28
CA ILE B 150 -8.39 -16.29 -17.28
C ILE B 150 -8.09 -17.74 -17.40
C ILE B 150 -8.09 -17.76 -17.44
N LEU B 151 -6.82 -18.10 -17.45
CA LEU B 151 -6.36 -19.49 -17.36
C LEU B 151 -5.66 -19.58 -16.01
N GLU B 152 -6.22 -20.39 -15.12
N GLU B 152 -6.24 -20.35 -15.11
CA GLU B 152 -5.72 -20.53 -13.76
CA GLU B 152 -5.71 -20.51 -13.76
C GLU B 152 -4.87 -21.79 -13.69
C GLU B 152 -4.85 -21.77 -13.72
N LEU B 153 -3.63 -21.64 -13.19
CA LEU B 153 -2.67 -22.73 -13.13
C LEU B 153 -2.37 -23.06 -11.67
N GLU B 154 -1.65 -24.16 -11.48
N GLU B 154 -1.64 -24.15 -11.45
CA GLU B 154 -1.43 -24.67 -10.12
CA GLU B 154 -1.49 -24.62 -10.08
C GLU B 154 -0.55 -23.74 -9.29
C GLU B 154 -0.48 -23.81 -9.27
N ASN B 155 0.47 -23.15 -9.90
CA ASN B 155 1.50 -22.43 -9.17
C ASN B 155 2.17 -21.42 -10.10
N TYR B 156 3.07 -20.62 -9.53
CA TYR B 156 3.72 -19.58 -10.33
C TYR B 156 4.57 -20.19 -11.43
N ALA B 157 5.29 -21.27 -11.11
CA ALA B 157 6.14 -21.89 -12.12
C ALA B 157 5.34 -22.31 -13.34
N GLU B 158 4.17 -22.93 -13.10
CA GLU B 158 3.31 -23.36 -14.20
C GLU B 158 2.75 -22.16 -14.96
N ALA B 159 2.35 -21.12 -14.22
CA ALA B 159 1.85 -19.91 -14.84
C ALA B 159 2.92 -19.28 -15.71
N PHE B 160 4.18 -19.27 -15.25
CA PHE B 160 5.23 -18.65 -16.05
C PHE B 160 5.60 -19.49 -17.29
N THR B 161 5.67 -20.82 -17.17
CA THR B 161 5.93 -21.57 -18.39
C THR B 161 4.78 -21.44 -19.38
N ALA B 162 3.54 -21.31 -18.90
CA ALA B 162 2.43 -21.06 -19.81
C ALA B 162 2.60 -19.73 -20.52
N LEU B 163 3.09 -18.72 -19.80
CA LEU B 163 3.37 -17.44 -20.45
C LEU B 163 4.47 -17.61 -21.50
N GLN B 164 5.52 -18.37 -21.15
N GLN B 164 5.53 -18.33 -21.14
CA GLN B 164 6.67 -18.52 -22.03
CA GLN B 164 6.65 -18.49 -22.07
C GLN B 164 6.28 -19.21 -23.34
C GLN B 164 6.20 -19.14 -23.37
N SER B 165 5.35 -20.17 -23.28
CA SER B 165 4.90 -20.93 -24.45
C SER B 165 3.62 -20.35 -25.06
N GLY B 166 3.25 -19.13 -24.69
CA GLY B 166 2.21 -18.43 -25.42
C GLY B 166 0.82 -18.90 -25.13
N GLN B 167 0.64 -19.63 -24.02
CA GLN B 167 -0.68 -20.13 -23.66
C GLN B 167 -1.54 -19.03 -23.08
N GLY B 168 -0.88 -17.98 -22.59
CA GLY B 168 -1.57 -16.76 -22.21
C GLY B 168 -0.78 -15.59 -22.74
N ASP B 169 -1.41 -14.41 -22.69
CA ASP B 169 -0.83 -13.18 -23.19
C ASP B 169 -0.14 -12.38 -22.09
N ALA B 170 -0.50 -12.62 -20.83
CA ALA B 170 0.04 -11.89 -19.69
C ALA B 170 -0.09 -12.75 -18.46
N MSE B 171 0.86 -12.60 -17.54
CA MSE B 171 0.77 -13.26 -16.24
C MSE B 171 0.53 -12.20 -15.19
O MSE B 171 1.08 -11.11 -15.29
CB MSE B 171 2.04 -14.06 -15.94
CG MSE B 171 2.11 -14.57 -14.52
SE MSE B 171 3.72 -15.63 -14.33
CE MSE B 171 3.46 -16.03 -12.41
N THR B 172 -0.29 -12.51 -14.19
CA THR B 172 -0.57 -11.56 -13.12
C THR B 172 -0.40 -12.18 -11.74
N THR B 173 0.19 -11.38 -10.85
CA THR B 173 0.24 -11.61 -9.40
C THR B 173 0.91 -10.36 -8.86
N ASP B 174 1.41 -10.39 -7.64
CA ASP B 174 1.90 -9.16 -7.04
C ASP B 174 3.18 -8.72 -7.76
N ASN B 175 3.34 -7.41 -7.88
CA ASN B 175 4.53 -6.87 -8.55
C ASN B 175 5.84 -7.43 -7.99
N ALA B 176 5.96 -7.52 -6.66
CA ALA B 176 7.22 -7.97 -6.05
C ALA B 176 7.49 -9.43 -6.38
N ILE B 177 6.44 -10.22 -6.56
CA ILE B 177 6.59 -11.62 -6.95
C ILE B 177 7.00 -11.71 -8.41
N LEU B 178 6.37 -10.91 -9.26
CA LEU B 178 6.72 -10.92 -10.69
C LEU B 178 8.15 -10.46 -10.89
N LEU B 179 8.62 -9.51 -10.07
CA LEU B 179 10.03 -9.14 -10.11
C LEU B 179 10.93 -10.34 -9.86
N GLY B 180 10.57 -11.18 -8.88
CA GLY B 180 11.35 -12.39 -8.64
C GLY B 180 11.42 -13.29 -9.85
N ILE B 181 10.42 -13.19 -10.72
CA ILE B 181 10.40 -13.94 -11.96
C ILE B 181 11.10 -13.19 -13.09
N ALA B 182 10.94 -11.88 -13.18
CA ALA B 182 11.53 -11.14 -14.30
C ALA B 182 13.04 -11.03 -14.18
N ASP B 183 13.56 -10.99 -12.96
CA ASP B 183 15.01 -11.05 -12.79
C ASP B 183 15.56 -12.36 -13.37
N GLU B 184 14.81 -13.45 -13.25
CA GLU B 184 15.28 -14.71 -13.81
C GLU B 184 15.11 -14.80 -15.32
N ASN B 185 14.30 -13.94 -15.93
CA ASN B 185 13.89 -14.14 -17.32
C ASN B 185 13.84 -12.83 -18.08
N PRO B 186 14.96 -12.44 -18.69
CA PRO B 186 15.07 -11.09 -19.28
C PRO B 186 14.21 -10.84 -20.52
N GLU B 187 13.59 -11.86 -21.11
CA GLU B 187 12.70 -11.61 -22.24
C GLU B 187 11.36 -11.04 -21.82
N TYR B 188 11.11 -10.91 -20.51
CA TYR B 188 9.82 -10.53 -19.95
C TYR B 188 9.98 -9.31 -19.05
N GLU B 189 8.93 -8.51 -18.98
CA GLU B 189 8.99 -7.29 -18.17
C GLU B 189 7.62 -7.03 -17.54
N LEU B 190 7.66 -6.30 -16.42
CA LEU B 190 6.43 -5.75 -15.85
C LEU B 190 5.98 -4.55 -16.69
N VAL B 191 4.67 -4.44 -16.90
CA VAL B 191 4.12 -3.33 -17.66
C VAL B 191 2.91 -2.78 -16.93
N GLY B 192 2.78 -1.45 -16.98
CA GLY B 192 1.58 -0.78 -16.50
C GLY B 192 1.52 -0.51 -15.02
N GLY B 193 2.63 -0.62 -14.28
CA GLY B 193 2.50 -0.25 -12.86
C GLY B 193 1.67 -1.27 -12.09
N THR B 194 0.92 -0.78 -11.08
CA THR B 194 0.07 -1.66 -10.28
C THR B 194 -1.37 -1.20 -10.38
N PHE B 195 -2.31 -2.15 -10.28
CA PHE B 195 -3.71 -1.78 -10.33
C PHE B 195 -4.49 -2.22 -9.10
N THR B 196 -3.80 -2.74 -8.08
CA THR B 196 -4.37 -2.90 -6.76
C THR B 196 -3.34 -2.47 -5.73
N ASN B 197 -3.79 -2.34 -4.47
CA ASN B 197 -2.87 -2.33 -3.35
C ASN B 197 -2.91 -3.67 -2.67
N GLU B 198 -1.75 -4.24 -2.35
CA GLU B 198 -1.65 -5.55 -1.70
C GLU B 198 -0.76 -5.41 -0.48
N PRO B 199 -1.29 -4.87 0.62
CA PRO B 199 -0.49 -4.77 1.85
C PRO B 199 -0.36 -6.14 2.51
N TYR B 200 0.88 -6.59 2.74
CA TYR B 200 1.06 -7.89 3.36
C TYR B 200 1.00 -7.79 4.88
N GLY B 201 0.32 -8.76 5.49
CA GLY B 201 0.32 -8.90 6.93
C GLY B 201 0.69 -10.32 7.33
N ILE B 202 1.05 -10.47 8.61
CA ILE B 202 1.26 -11.78 9.20
C ILE B 202 -0.05 -12.27 9.75
N ALA B 203 -0.50 -13.47 9.32
CA ALA B 203 -1.78 -13.97 9.78
C ALA B 203 -1.60 -14.87 10.98
N ILE B 204 -2.46 -14.69 11.97
CA ILE B 204 -2.46 -15.44 13.22
C ILE B 204 -3.88 -15.93 13.46
N ASN B 205 -4.02 -17.17 13.97
CA ASN B 205 -5.37 -17.67 14.17
C ASN B 205 -6.12 -16.79 15.17
N LYS B 206 -7.45 -16.80 15.06
CA LYS B 206 -8.29 -16.19 16.08
C LYS B 206 -8.02 -16.82 17.44
N GLY B 207 -8.14 -16.01 18.48
CA GLY B 207 -7.98 -16.49 19.84
C GLY B 207 -6.55 -16.59 20.28
N GLN B 208 -5.64 -15.93 19.57
CA GLN B 208 -4.22 -15.90 19.88
C GLN B 208 -3.76 -14.47 20.09
N GLU B 209 -4.57 -13.70 20.83
CA GLU B 209 -4.34 -12.26 20.91
C GLU B 209 -3.02 -11.91 21.60
N ASN B 210 -2.58 -12.72 22.56
CA ASN B 210 -1.30 -12.41 23.21
C ASN B 210 -0.15 -12.58 22.24
N PHE B 211 -0.19 -13.62 21.39
CA PHE B 211 0.85 -13.81 20.38
C PHE B 211 0.79 -12.70 19.33
N LEU B 212 -0.42 -12.33 18.90
CA LEU B 212 -0.57 -11.22 17.95
C LEU B 212 0.06 -9.94 18.49
N LYS B 213 -0.21 -9.62 19.76
N LYS B 213 -0.21 -9.62 19.76
CA LYS B 213 0.39 -8.43 20.37
CA LYS B 213 0.39 -8.44 20.36
C LYS B 213 1.90 -8.53 20.40
C LYS B 213 1.91 -8.54 20.38
N ALA B 214 2.44 -9.73 20.69
CA ALA B 214 3.88 -9.95 20.68
C ALA B 214 4.48 -9.72 19.30
N VAL B 215 3.81 -10.22 18.25
CA VAL B 215 4.30 -10.03 16.89
C VAL B 215 4.30 -8.55 16.53
N ASN B 216 3.22 -7.84 16.88
CA ASN B 216 3.18 -6.41 16.55
C ASN B 216 4.24 -5.63 17.32
N GLN B 217 4.49 -6.00 18.57
CA GLN B 217 5.52 -5.33 19.35
C GLN B 217 6.89 -5.61 18.75
N ALA B 218 7.12 -6.84 18.30
CA ALA B 218 8.38 -7.19 17.65
C ALA B 218 8.60 -6.33 16.40
N LEU B 219 7.56 -6.20 15.56
CA LEU B 219 7.67 -5.35 14.38
C LEU B 219 7.96 -3.92 14.76
N GLU B 220 7.25 -3.39 15.76
N GLU B 220 7.27 -3.39 15.78
CA GLU B 220 7.52 -2.04 16.26
CA GLU B 220 7.53 -2.03 16.22
C GLU B 220 8.99 -1.87 16.60
C GLU B 220 8.99 -1.84 16.64
N GLU B 221 9.55 -2.82 17.36
CA GLU B 221 10.93 -2.73 17.78
C GLU B 221 11.87 -2.78 16.58
N MSE B 222 11.53 -3.57 15.56
CA MSE B 222 12.38 -3.72 14.39
C MSE B 222 12.37 -2.47 13.52
O MSE B 222 13.37 -2.11 12.90
CB MSE B 222 11.92 -4.93 13.56
CG MSE B 222 12.19 -6.28 14.28
SE MSE B 222 11.11 -7.73 13.57
CE MSE B 222 11.58 -7.63 11.66
N HIS B 223 11.20 -1.82 13.45
CA HIS B 223 11.15 -0.52 12.80
C HIS B 223 11.90 0.53 13.59
N ALA B 224 11.88 0.43 14.91
CA ALA B 224 12.53 1.48 15.69
C ALA B 224 14.05 1.35 15.63
N ASP B 225 14.59 0.15 15.50
CA ASP B 225 16.04 0.00 15.59
C ASP B 225 16.71 -0.30 14.27
N GLY B 226 15.97 -0.27 13.16
CA GLY B 226 16.59 -0.43 11.87
C GLY B 226 16.72 -1.86 11.39
N THR B 227 16.27 -2.83 12.19
CA THR B 227 16.31 -4.22 11.77
C THR B 227 15.42 -4.42 10.55
N TYR B 228 14.21 -3.85 10.57
CA TYR B 228 13.34 -3.95 9.40
C TYR B 228 14.04 -3.38 8.17
N ASP B 229 14.61 -2.17 8.30
CA ASP B 229 15.21 -1.50 7.16
C ASP B 229 16.37 -2.31 6.60
N LYS B 230 17.18 -2.94 7.48
CA LYS B 230 18.29 -3.76 7.00
C LYS B 230 17.77 -4.94 6.19
N ILE B 231 16.72 -5.62 6.69
CA ILE B 231 16.18 -6.77 5.98
C ILE B 231 15.57 -6.34 4.64
N TYR B 232 14.86 -5.22 4.63
CA TYR B 232 14.30 -4.68 3.39
C TYR B 232 15.42 -4.40 2.37
N GLN B 233 16.50 -3.77 2.81
N GLN B 233 16.49 -3.74 2.80
CA GLN B 233 17.61 -3.42 1.93
CA GLN B 233 17.59 -3.44 1.87
C GLN B 233 18.32 -4.65 1.37
C GLN B 233 18.22 -4.70 1.30
N LYS B 234 18.32 -5.76 2.12
CA LYS B 234 18.93 -7.00 1.65
C LYS B 234 18.20 -7.57 0.44
N TRP B 235 16.87 -7.53 0.47
CA TRP B 235 16.05 -8.20 -0.55
C TRP B 235 15.57 -7.28 -1.67
N PHE B 236 15.40 -5.98 -1.41
CA PHE B 236 14.85 -5.04 -2.39
C PHE B 236 15.73 -3.81 -2.52
N PRO B 237 17.01 -3.98 -2.82
CA PRO B 237 17.94 -2.83 -2.79
C PRO B 237 17.62 -1.76 -3.83
N ASN B 238 16.96 -2.12 -4.94
CA ASN B 238 16.69 -1.15 -5.99
C ASN B 238 15.20 -0.88 -6.18
N GLU B 239 14.36 -1.33 -5.25
CA GLU B 239 12.92 -1.15 -5.35
C GLU B 239 12.45 -0.54 -4.03
N THR B 240 12.03 0.71 -4.08
CA THR B 240 11.74 1.47 -2.87
C THR B 240 10.28 1.39 -2.42
N GLU B 241 9.34 1.09 -3.33
N GLU B 241 9.35 1.08 -3.33
CA GLU B 241 7.93 1.32 -3.05
CA GLU B 241 7.93 1.31 -3.08
C GLU B 241 7.30 0.31 -2.10
C GLU B 241 7.31 0.32 -2.09
N GLY B 242 7.88 -0.87 -1.95
CA GLY B 242 7.29 -1.84 -1.06
C GLY B 242 7.59 -1.62 0.40
N LYS B 243 8.55 -0.73 0.70
CA LYS B 243 8.96 -0.50 2.07
C LYS B 243 7.87 0.18 2.89
N VAL B 244 7.65 -0.36 4.09
CA VAL B 244 6.83 0.30 5.10
C VAL B 244 7.75 1.21 5.91
N GLU B 245 7.48 2.50 5.89
N GLU B 245 7.55 2.51 5.80
CA GLU B 245 8.29 3.46 6.64
CA GLU B 245 8.49 3.49 6.37
C GLU B 245 7.98 3.54 8.14
C GLU B 245 8.10 3.91 7.78
N GLU C . 1.00 12.50 -1.44
CA GLU C . 2.11 13.11 -2.17
C GLU C . 3.07 13.75 -1.18
O GLU C . 2.73 13.88 0.00
CB GLU C . 1.62 14.14 -3.21
CG GLU C . 0.48 15.08 -2.76
CD GLU C . 0.94 16.19 -1.80
OE1 GLU C . 0.09 16.61 -0.99
OE2 GLU C . 2.13 16.61 -1.84
OXT GLU C . 4.19 14.13 -1.60
MG MG D . -0.12 0.81 -3.87
N GLU E . -0.67 -11.19 -2.04
CA GLU E . -1.72 -11.86 -2.82
C GLU E . -2.63 -12.67 -1.92
O GLU E . -2.42 -12.74 -0.69
CB GLU E . -1.14 -12.75 -3.93
CG GLU E . 0.01 -13.67 -3.49
CD GLU E . -0.42 -14.85 -2.63
OE1 GLU E . 0.40 -15.29 -1.82
OE2 GLU E . -1.54 -15.39 -2.81
OXT GLU E . -3.62 -13.27 -2.36
MG MG F . 7.40 4.74 0.48
MG MG G . 10.65 3.21 9.50
CL CL H . 11.96 3.32 8.05
CL CL I . 13.70 -15.09 -20.66
#